data_3WIJ
#
_entry.id   3WIJ
#
_cell.length_a   57.651
_cell.length_b   63.916
_cell.length_c   86.048
_cell.angle_alpha   90.00
_cell.angle_beta   90.00
_cell.angle_gamma   90.00
#
_symmetry.space_group_name_H-M   'P 21 21 21'
#
loop_
_entity.id
_entity.type
_entity.pdbx_description
1 polymer 'Chitinase A'
2 branched 2-acetamido-2-deoxy-beta-D-glucopyranose-(1-4)-2-acetamido-2-deoxy-beta-D-glucopyranose-(1-4)-2-acetamido-2-deoxy-beta-D-glucopyranose
3 non-polymer 2-[3-(2-HYDROXY-1,1-DIHYDROXYMETHYL-ETHYLAMINO)-PROPYLAMINO]-2-HYDROXYMETHYL-PROPANE-1,3-DIOL
4 non-polymer 'ACETATE ION'
5 water water
#
_entity_poly.entity_id   1
_entity_poly.type   'polypeptide(L)'
_entity_poly.pdbx_seq_one_letter_code
;MQNALKVGFWPAYSVSEFPPSKINSRLFTHLYYAFAELNAPTFEVRVPPGSEKTAEDFTPTVRRLNPSVKTLISIGGGGS
EVRDNFAKLNSDASARQRFVKSSIALARRYGFHGLDLDYQYPEPQLEMENFVKLVSELTAAIREEARTSGKPRLLLTEAV
YFHQKLFPWEVVTEYPVQFIAAGLDWVNVMAYDFHGSWENFTGAPAALRDPNSKFTASVGIESFLAAGMPPEKLVLGIPL
FGRSWLLKNNNEVGIGAPAVGAGPVDGALSFSEIQNFIRGGAREVFDTTTVSAYAYKDNVWVGYDNQQSVALKVQYAKEK
RLGGYFFWSVNQDIDAILPKIASDTWGG
;
_entity_poly.pdbx_strand_id   A
#
# COMPACT_ATOMS: atom_id res chain seq x y z
N ALA A 4 15.49 -8.86 -2.16
CA ALA A 4 14.70 -8.42 -0.95
C ALA A 4 14.13 -7.01 -1.11
N LEU A 5 12.84 -6.94 -1.44
CA LEU A 5 12.14 -5.68 -1.73
C LEU A 5 11.76 -5.02 -0.41
N LYS A 6 12.23 -3.79 -0.23
CA LYS A 6 11.90 -2.97 0.96
C LYS A 6 11.23 -1.71 0.44
N VAL A 7 9.89 -1.68 0.49
CA VAL A 7 9.13 -0.73 -0.30
C VAL A 7 8.43 0.27 0.61
N GLY A 8 8.38 1.54 0.21
CA GLY A 8 7.62 2.53 0.98
C GLY A 8 6.82 3.44 0.08
N PHE A 9 5.63 3.84 0.52
CA PHE A 9 4.79 4.77 -0.21
C PHE A 9 4.89 6.13 0.42
N TRP A 10 5.12 7.16 -0.39
CA TRP A 10 5.14 8.56 0.03
C TRP A 10 3.96 9.27 -0.60
N PRO A 11 2.99 9.76 0.21
CA PRO A 11 1.84 10.45 -0.35
C PRO A 11 2.10 11.92 -0.54
N ALA A 12 1.85 12.41 -1.73
CA ALA A 12 2.16 13.80 -2.07
C ALA A 12 1.41 14.83 -1.19
N TYR A 13 0.27 14.43 -0.61
CA TYR A 13 -0.50 15.32 0.29
C TYR A 13 0.35 15.76 1.47
N SER A 14 1.37 14.99 1.81
CA SER A 14 2.12 15.23 3.02
C SER A 14 3.28 16.19 2.85
N VAL A 15 3.44 16.76 1.65
CA VAL A 15 4.67 17.48 1.30
C VAL A 15 5.10 18.60 2.27
N SER A 16 4.15 19.35 2.82
CA SER A 16 4.49 20.50 3.68
C SER A 16 4.96 20.05 5.06
N GLU A 17 4.53 18.88 5.51
CA GLU A 17 4.94 18.38 6.82
C GLU A 17 6.01 17.30 6.72
N PHE A 18 6.09 16.61 5.57
CA PHE A 18 7.05 15.53 5.40
C PHE A 18 7.47 15.53 3.92
N PRO A 19 8.35 16.45 3.52
CA PRO A 19 8.82 16.45 2.13
C PRO A 19 9.66 15.21 1.84
N PRO A 20 9.82 14.88 0.54
CA PRO A 20 10.63 13.69 0.21
C PRO A 20 12.03 13.67 0.84
N SER A 21 12.61 14.84 1.08
CA SER A 21 13.91 14.92 1.69
C SER A 21 13.99 14.29 3.09
N LYS A 22 12.83 14.13 3.74
CA LYS A 22 12.78 13.56 5.08
C LYS A 22 12.74 12.04 5.09
N ILE A 23 12.49 11.42 3.93
CA ILE A 23 12.46 9.95 3.86
C ILE A 23 13.83 9.36 4.09
N ASN A 24 13.95 8.39 4.99
CA ASN A 24 15.24 7.76 5.16
C ASN A 24 15.36 6.67 4.08
N SER A 25 15.83 7.08 2.90
CA SER A 25 15.81 6.15 1.77
C SER A 25 16.87 5.05 1.89
N ARG A 26 17.75 5.15 2.88
CA ARG A 26 18.67 4.05 3.17
C ARG A 26 17.96 2.77 3.57
N LEU A 27 16.72 2.91 4.02
CA LEU A 27 15.96 1.79 4.59
C LEU A 27 15.08 1.12 3.55
N PHE A 28 15.20 1.52 2.28
CA PHE A 28 14.31 1.09 1.22
C PHE A 28 15.09 0.70 -0.01
N THR A 29 14.49 -0.17 -0.80
CA THR A 29 14.96 -0.45 -2.17
C THR A 29 14.09 0.28 -3.21
N HIS A 30 12.82 0.54 -2.88
CA HIS A 30 11.89 1.16 -3.84
C HIS A 30 10.96 2.09 -3.09
N LEU A 31 10.77 3.29 -3.65
CA LEU A 31 9.87 4.25 -3.05
C LEU A 31 8.87 4.79 -4.04
N TYR A 32 7.59 4.86 -3.65
CA TYR A 32 6.46 5.04 -4.57
C TYR A 32 6.08 6.51 -4.29
N TYR A 33 5.89 7.32 -5.32
CA TYR A 33 5.01 8.49 -5.31
C TYR A 33 3.57 8.20 -5.44
N ALA A 34 2.78 8.63 -4.47
CA ALA A 34 1.33 8.37 -4.43
C ALA A 34 0.59 9.71 -4.40
N PHE A 35 -0.18 10.10 -5.43
CA PHE A 35 -0.57 9.30 -6.59
C PHE A 35 -0.68 10.21 -7.80
N ALA A 36 -0.40 9.68 -8.99
CA ALA A 36 -0.85 10.31 -10.21
C ALA A 36 -2.35 10.06 -10.36
N GLU A 37 -3.01 10.97 -11.05
CA GLU A 37 -4.47 10.89 -11.25
C GLU A 37 -4.81 10.38 -12.64
N LEU A 38 -5.97 9.74 -12.77
CA LEU A 38 -6.38 9.14 -14.04
C LEU A 38 -6.80 10.18 -15.06
N ASN A 39 -7.33 11.31 -14.56
CA ASN A 39 -7.69 12.43 -15.45
C ASN A 39 -8.73 12.04 -16.51
N ALA A 40 -9.84 11.48 -16.06
CA ALA A 40 -11.00 11.29 -16.93
C ALA A 40 -11.48 12.65 -17.44
N PRO A 41 -12.07 12.72 -18.65
CA PRO A 41 -12.34 11.65 -19.60
C PRO A 41 -11.24 11.37 -20.62
N THR A 42 -10.19 12.17 -20.68
CA THR A 42 -9.14 11.93 -21.68
C THR A 42 -8.23 10.79 -21.23
N PHE A 43 -8.14 10.58 -19.91
CA PHE A 43 -7.22 9.56 -19.37
C PHE A 43 -5.78 9.80 -19.80
N GLU A 44 -5.44 11.07 -19.98
CA GLU A 44 -4.05 11.51 -20.07
C GLU A 44 -3.56 11.59 -18.63
N VAL A 45 -2.96 10.50 -18.19
CA VAL A 45 -2.55 10.36 -16.79
C VAL A 45 -1.54 11.45 -16.43
N ARG A 46 -1.64 11.99 -15.23
CA ARG A 46 -0.82 13.15 -14.85
C ARG A 46 -0.71 13.25 -13.33
N VAL A 47 0.33 13.94 -12.81
CA VAL A 47 0.20 14.28 -11.39
C VAL A 47 -0.77 15.45 -11.26
N PRO A 48 -1.41 15.57 -10.09
CA PRO A 48 -2.31 16.71 -9.88
C PRO A 48 -1.65 18.02 -10.36
N PRO A 49 -2.29 18.77 -11.29
CA PRO A 49 -1.71 20.06 -11.68
C PRO A 49 -1.33 20.94 -10.49
N GLY A 50 -0.15 21.52 -10.59
CA GLY A 50 0.42 22.29 -9.50
C GLY A 50 1.49 21.52 -8.75
N SER A 51 1.54 20.22 -8.91
N SER A 51 1.53 20.20 -8.92
CA SER A 51 2.51 19.39 -8.19
CA SER A 51 2.47 19.32 -8.20
C SER A 51 3.60 18.79 -9.09
C SER A 51 3.68 18.88 -9.05
N GLU A 52 3.77 19.37 -10.28
CA GLU A 52 4.78 18.91 -11.23
C GLU A 52 6.18 19.00 -10.67
N LYS A 53 6.49 20.09 -9.98
CA LYS A 53 7.84 20.24 -9.43
C LYS A 53 8.14 19.19 -8.38
N THR A 54 7.18 18.93 -7.50
CA THR A 54 7.33 17.91 -6.45
C THR A 54 7.56 16.53 -7.08
N ALA A 55 6.82 16.23 -8.12
CA ALA A 55 6.94 14.92 -8.76
C ALA A 55 8.29 14.78 -9.44
N GLU A 56 8.76 15.84 -10.11
CA GLU A 56 10.06 15.78 -10.78
C GLU A 56 11.19 15.64 -9.78
N ASP A 57 11.10 16.35 -8.65
CA ASP A 57 12.22 16.37 -7.73
C ASP A 57 12.26 15.15 -6.83
N PHE A 58 11.18 14.39 -6.78
CA PHE A 58 11.06 13.26 -5.86
C PHE A 58 12.25 12.30 -6.01
N THR A 59 12.49 11.82 -7.24
CA THR A 59 13.48 10.75 -7.42
C THR A 59 14.92 11.24 -7.15
N PRO A 60 15.34 12.36 -7.78
CA PRO A 60 16.68 12.86 -7.41
C PRO A 60 16.83 13.11 -5.91
N THR A 61 15.78 13.57 -5.25
CA THR A 61 15.89 13.84 -3.82
C THR A 61 16.10 12.57 -3.02
N VAL A 62 15.26 11.56 -3.24
CA VAL A 62 15.38 10.37 -2.39
C VAL A 62 16.68 9.62 -2.69
N ARG A 63 17.14 9.69 -3.92
CA ARG A 63 18.38 9.01 -4.29
C ARG A 63 19.64 9.63 -3.69
N ARG A 64 19.55 10.86 -3.20
CA ARG A 64 20.74 11.51 -2.62
C ARG A 64 21.24 10.76 -1.37
N LEU A 65 20.33 10.13 -0.62
CA LEU A 65 20.71 9.42 0.61
C LEU A 65 21.06 7.98 0.35
N ASN A 66 20.54 7.43 -0.75
CA ASN A 66 20.75 6.04 -1.12
C ASN A 66 20.61 5.95 -2.62
N PRO A 67 21.70 6.21 -3.34
CA PRO A 67 21.63 6.24 -4.80
C PRO A 67 21.08 4.96 -5.42
N SER A 68 21.26 3.83 -4.76
CA SER A 68 20.75 2.56 -5.29
C SER A 68 19.21 2.46 -5.27
N VAL A 69 18.54 3.32 -4.50
CA VAL A 69 17.07 3.22 -4.38
C VAL A 69 16.41 3.55 -5.72
N LYS A 70 15.33 2.83 -6.04
CA LYS A 70 14.56 3.09 -7.26
C LYS A 70 13.19 3.63 -6.88
N THR A 71 12.50 4.22 -7.85
CA THR A 71 11.20 4.82 -7.58
C THR A 71 10.16 4.36 -8.58
N LEU A 72 8.91 4.36 -8.15
CA LEU A 72 7.75 4.11 -9.01
C LEU A 72 6.72 5.18 -8.75
N ILE A 73 5.91 5.49 -9.75
CA ILE A 73 4.79 6.38 -9.55
C ILE A 73 3.51 5.57 -9.59
N SER A 74 2.71 5.70 -8.52
CA SER A 74 1.49 4.98 -8.38
C SER A 74 0.31 5.79 -8.91
N ILE A 75 -0.54 5.14 -9.69
CA ILE A 75 -1.67 5.79 -10.34
C ILE A 75 -2.96 5.33 -9.67
N GLY A 76 -3.77 6.30 -9.23
CA GLY A 76 -5.08 6.02 -8.66
C GLY A 76 -5.11 6.24 -7.16
N GLY A 77 -5.20 5.15 -6.41
CA GLY A 77 -5.32 5.24 -4.97
C GLY A 77 -6.66 4.71 -4.53
N GLY A 78 -6.81 4.50 -3.23
CA GLY A 78 -8.05 3.97 -2.71
C GLY A 78 -9.10 5.04 -2.83
N GLY A 79 -10.35 4.64 -2.91
CA GLY A 79 -11.40 5.64 -2.95
C GLY A 79 -12.31 5.44 -4.13
N SER A 80 -13.54 5.91 -3.96
CA SER A 80 -14.62 5.65 -4.86
C SER A 80 -14.41 6.37 -6.18
N GLU A 81 -13.90 7.60 -6.16
CA GLU A 81 -13.71 8.34 -7.40
C GLU A 81 -12.67 7.65 -8.32
N VAL A 82 -11.59 7.17 -7.72
CA VAL A 82 -10.58 6.45 -8.48
C VAL A 82 -11.19 5.18 -9.04
N ARG A 83 -11.88 4.43 -8.19
CA ARG A 83 -12.49 3.17 -8.64
C ARG A 83 -13.44 3.42 -9.83
N ASP A 84 -14.26 4.46 -9.75
CA ASP A 84 -15.21 4.78 -10.81
C ASP A 84 -14.47 5.12 -12.08
N ASN A 85 -13.37 5.86 -11.97
CA ASN A 85 -12.58 6.22 -13.12
C ASN A 85 -11.92 5.02 -13.77
N PHE A 86 -11.36 4.09 -12.99
CA PHE A 86 -10.83 2.87 -13.59
C PHE A 86 -11.94 2.09 -14.29
N ALA A 87 -13.12 2.02 -13.69
CA ALA A 87 -14.22 1.24 -14.28
C ALA A 87 -14.64 1.86 -15.62
N LYS A 88 -14.66 3.18 -15.70
CA LYS A 88 -14.99 3.86 -16.97
C LYS A 88 -13.89 3.64 -18.00
N LEU A 89 -12.64 3.85 -17.57
CA LEU A 89 -11.47 3.65 -18.42
C LEU A 89 -11.46 2.27 -19.04
N ASN A 90 -11.60 1.25 -18.19
CA ASN A 90 -11.24 -0.10 -18.63
C ASN A 90 -12.22 -0.68 -19.64
N SER A 91 -13.41 -0.07 -19.72
CA SER A 91 -14.43 -0.52 -20.66
C SER A 91 -14.28 0.09 -22.06
N ASP A 92 -13.37 1.04 -22.23
CA ASP A 92 -13.26 1.83 -23.47
C ASP A 92 -11.85 1.60 -24.04
N ALA A 93 -11.78 0.84 -25.13
CA ALA A 93 -10.49 0.51 -25.72
C ALA A 93 -9.66 1.73 -26.07
N SER A 94 -10.30 2.76 -26.59
N SER A 94 -10.28 2.79 -26.57
CA SER A 94 -9.57 3.95 -26.97
CA SER A 94 -9.54 3.99 -26.97
C SER A 94 -8.97 4.59 -25.73
C SER A 94 -8.99 4.73 -25.74
N ALA A 95 -9.77 4.74 -24.68
CA ALA A 95 -9.33 5.31 -23.40
C ALA A 95 -8.16 4.49 -22.83
N ARG A 96 -8.25 3.15 -22.90
CA ARG A 96 -7.15 2.31 -22.41
C ARG A 96 -5.88 2.65 -23.15
N GLN A 97 -5.97 2.86 -24.46
CA GLN A 97 -4.77 3.20 -25.23
C GLN A 97 -4.19 4.54 -24.79
N ARG A 98 -5.03 5.54 -24.54
CA ARG A 98 -4.55 6.83 -24.10
C ARG A 98 -3.89 6.71 -22.72
N PHE A 99 -4.49 5.93 -21.82
CA PHE A 99 -3.95 5.69 -20.48
C PHE A 99 -2.59 5.03 -20.56
N VAL A 100 -2.47 3.99 -21.37
CA VAL A 100 -1.21 3.25 -21.46
C VAL A 100 -0.08 4.14 -21.99
N LYS A 101 -0.37 4.88 -23.06
CA LYS A 101 0.65 5.76 -23.65
C LYS A 101 1.06 6.86 -22.67
N SER A 102 0.08 7.50 -22.05
CA SER A 102 0.38 8.62 -21.14
C SER A 102 1.05 8.18 -19.83
N SER A 103 0.71 7.00 -19.34
N SER A 103 0.73 6.99 -19.34
CA SER A 103 1.33 6.50 -18.10
CA SER A 103 1.33 6.55 -18.08
C SER A 103 2.82 6.28 -18.31
C SER A 103 2.81 6.19 -18.25
N ILE A 104 3.16 5.58 -19.39
CA ILE A 104 4.56 5.28 -19.70
C ILE A 104 5.32 6.60 -19.88
N ALA A 105 4.71 7.56 -20.61
CA ALA A 105 5.35 8.86 -20.82
C ALA A 105 5.54 9.59 -19.50
N LEU A 106 4.57 9.50 -18.61
CA LEU A 106 4.67 10.15 -17.30
C LEU A 106 5.84 9.62 -16.48
N ALA A 107 5.99 8.30 -16.43
CA ALA A 107 7.07 7.73 -15.63
C ALA A 107 8.41 8.22 -16.16
N ARG A 108 8.56 8.20 -17.49
CA ARG A 108 9.82 8.67 -18.10
C ARG A 108 10.01 10.16 -17.87
N ARG A 109 8.94 10.94 -17.98
CA ARG A 109 9.01 12.39 -17.86
C ARG A 109 9.61 12.81 -16.53
N TYR A 110 9.22 12.14 -15.46
CA TYR A 110 9.65 12.54 -14.13
C TYR A 110 10.79 11.71 -13.58
N GLY A 111 11.31 10.77 -14.37
CA GLY A 111 12.48 9.99 -13.95
C GLY A 111 12.18 8.83 -13.01
N PHE A 112 10.96 8.32 -13.02
CA PHE A 112 10.60 7.11 -12.29
C PHE A 112 11.06 5.87 -13.00
N HIS A 113 11.28 4.80 -12.24
CA HIS A 113 11.72 3.53 -12.77
C HIS A 113 10.60 2.56 -13.01
N GLY A 114 9.37 2.94 -12.68
CA GLY A 114 8.25 2.06 -12.86
C GLY A 114 6.92 2.73 -12.58
N LEU A 115 5.88 1.96 -12.84
CA LEU A 115 4.47 2.32 -12.68
C LEU A 115 3.79 1.36 -11.74
N ASP A 116 2.86 1.90 -10.96
CA ASP A 116 2.01 1.07 -10.09
C ASP A 116 0.58 1.44 -10.45
N LEU A 117 -0.33 0.48 -10.51
CA LEU A 117 -1.79 0.69 -10.39
C LEU A 117 -2.27 0.45 -9.00
N ASP A 118 -2.94 1.43 -8.39
CA ASP A 118 -3.79 1.21 -7.22
C ASP A 118 -5.25 1.40 -7.44
N TYR A 119 -5.92 0.27 -7.61
CA TYR A 119 -7.32 0.21 -8.02
C TYR A 119 -8.06 -0.64 -6.99
N GLN A 120 -8.94 -0.01 -6.22
CA GLN A 120 -9.65 -0.69 -5.15
C GLN A 120 -11.13 -0.64 -5.42
N TYR A 121 -11.71 -1.65 -6.09
CA TYR A 121 -11.08 -2.92 -6.50
C TYR A 121 -11.66 -3.35 -7.86
N PRO A 122 -10.93 -4.18 -8.61
CA PRO A 122 -11.44 -4.72 -9.89
C PRO A 122 -12.48 -5.81 -9.67
N GLU A 123 -13.65 -5.40 -9.19
CA GLU A 123 -14.76 -6.31 -8.97
C GLU A 123 -16.02 -5.53 -9.30
N PRO A 124 -17.08 -6.21 -9.74
CA PRO A 124 -17.26 -7.64 -9.91
C PRO A 124 -16.60 -8.19 -11.18
N GLN A 125 -17.05 -9.36 -11.64
CA GLN A 125 -16.31 -10.06 -12.71
C GLN A 125 -16.04 -9.18 -13.94
N LEU A 126 -17.03 -8.40 -14.38
CA LEU A 126 -16.82 -7.53 -15.53
C LEU A 126 -15.62 -6.60 -15.33
N GLU A 127 -15.51 -6.06 -14.13
CA GLU A 127 -14.42 -5.14 -13.84
C GLU A 127 -13.06 -5.84 -13.82
N MET A 128 -13.01 -7.07 -13.34
CA MET A 128 -11.76 -7.82 -13.42
C MET A 128 -11.41 -8.09 -14.89
N GLU A 129 -12.39 -8.50 -15.70
CA GLU A 129 -12.12 -8.80 -17.09
C GLU A 129 -11.60 -7.58 -17.82
N ASN A 130 -12.17 -6.42 -17.54
CA ASN A 130 -11.72 -5.22 -18.23
C ASN A 130 -10.36 -4.74 -17.72
N PHE A 131 -10.09 -4.96 -16.43
CA PHE A 131 -8.79 -4.62 -15.85
C PHE A 131 -7.71 -5.51 -16.47
N VAL A 132 -8.02 -6.78 -16.70
CA VAL A 132 -7.11 -7.68 -17.40
C VAL A 132 -6.74 -7.07 -18.77
N LYS A 133 -7.71 -6.52 -19.50
CA LYS A 133 -7.38 -5.93 -20.80
C LYS A 133 -6.40 -4.77 -20.63
N LEU A 134 -6.67 -3.88 -19.67
CA LEU A 134 -5.77 -2.75 -19.42
C LEU A 134 -4.36 -3.21 -19.11
N VAL A 135 -4.25 -4.13 -18.16
CA VAL A 135 -2.95 -4.53 -17.68
C VAL A 135 -2.17 -5.28 -18.79
N SER A 136 -2.87 -6.09 -19.58
CA SER A 136 -2.19 -6.83 -20.65
C SER A 136 -1.62 -5.83 -21.66
N GLU A 137 -2.41 -4.82 -22.01
CA GLU A 137 -1.97 -3.77 -22.94
C GLU A 137 -0.81 -2.97 -22.37
N LEU A 138 -0.85 -2.70 -21.08
CA LEU A 138 0.20 -1.93 -20.41
C LEU A 138 1.52 -2.73 -20.39
N THR A 139 1.44 -4.00 -20.06
CA THR A 139 2.64 -4.86 -20.06
C THR A 139 3.29 -4.86 -21.45
N ALA A 140 2.48 -5.05 -22.50
CA ALA A 140 3.03 -5.05 -23.86
C ALA A 140 3.65 -3.72 -24.25
N ALA A 141 2.99 -2.61 -23.87
CA ALA A 141 3.55 -1.31 -24.24
C ALA A 141 4.82 -0.99 -23.47
N ILE A 142 4.93 -1.48 -22.23
CA ILE A 142 6.15 -1.31 -21.44
C ILE A 142 7.32 -2.04 -22.13
N ARG A 143 7.04 -3.24 -22.61
CA ARG A 143 8.07 -4.00 -23.33
C ARG A 143 8.47 -3.31 -24.63
N GLU A 144 7.49 -2.77 -25.34
CA GLU A 144 7.75 -2.06 -26.60
C GLU A 144 8.56 -0.78 -26.36
N GLU A 145 8.26 -0.03 -25.30
CA GLU A 145 8.97 1.18 -24.99
C GLU A 145 10.43 0.90 -24.64
N ALA A 146 10.67 -0.20 -23.94
CA ALA A 146 12.06 -0.61 -23.66
C ALA A 146 12.83 -0.91 -24.97
N ARG A 147 12.14 -1.55 -25.91
CA ARG A 147 12.72 -1.89 -27.20
C ARG A 147 13.08 -0.64 -27.98
N THR A 148 12.17 0.32 -28.03
CA THR A 148 12.39 1.53 -28.84
C THR A 148 13.31 2.55 -28.19
N SER A 149 13.29 2.64 -26.87
CA SER A 149 14.16 3.56 -26.12
C SER A 149 15.56 2.97 -25.83
N GLY A 150 15.64 1.64 -25.78
CA GLY A 150 16.87 0.97 -25.38
C GLY A 150 17.12 0.96 -23.87
N LYS A 151 16.16 1.47 -23.10
CA LYS A 151 16.27 1.48 -21.64
C LYS A 151 15.68 0.22 -21.04
N PRO A 152 16.13 -0.18 -19.82
CA PRO A 152 15.47 -1.29 -19.14
C PRO A 152 13.98 -1.01 -18.99
N ARG A 153 13.16 -2.03 -19.10
CA ARG A 153 11.74 -1.79 -19.06
C ARG A 153 11.36 -1.18 -17.72
N LEU A 154 10.37 -0.34 -17.78
CA LEU A 154 9.73 0.14 -16.56
C LEU A 154 9.24 -1.05 -15.73
N LEU A 155 9.43 -0.97 -14.42
CA LEU A 155 8.75 -1.89 -13.52
C LEU A 155 7.24 -1.68 -13.57
N LEU A 156 6.47 -2.72 -13.27
CA LEU A 156 5.03 -2.62 -13.19
C LEU A 156 4.56 -3.40 -12.01
N THR A 157 3.85 -2.72 -11.11
CA THR A 157 3.28 -3.35 -9.93
C THR A 157 1.82 -2.94 -9.77
N GLU A 158 1.10 -3.61 -8.87
CA GLU A 158 -0.24 -3.15 -8.53
C GLU A 158 -0.53 -3.49 -7.06
N ALA A 159 -1.41 -2.69 -6.47
CA ALA A 159 -1.94 -2.98 -5.17
C ALA A 159 -2.99 -4.09 -5.29
N VAL A 160 -2.97 -5.02 -4.34
CA VAL A 160 -4.01 -6.02 -4.26
C VAL A 160 -4.63 -6.06 -2.87
N TYR A 161 -5.89 -6.43 -2.81
CA TYR A 161 -6.58 -6.76 -1.58
C TYR A 161 -5.76 -7.80 -0.79
N PHE A 162 -6.03 -7.91 0.52
CA PHE A 162 -5.24 -8.83 1.35
C PHE A 162 -5.39 -10.28 0.92
N HIS A 163 -6.50 -10.58 0.25
CA HIS A 163 -6.87 -11.96 -0.10
C HIS A 163 -6.98 -12.06 -1.61
N GLN A 164 -6.73 -13.26 -2.13
CA GLN A 164 -6.79 -13.51 -3.56
C GLN A 164 -8.22 -13.51 -4.09
N LYS A 165 -9.22 -13.75 -3.23
CA LYS A 165 -10.62 -13.73 -3.63
C LYS A 165 -11.24 -12.39 -3.29
N LEU A 166 -12.02 -11.86 -4.23
CA LEU A 166 -12.83 -10.68 -3.99
C LEU A 166 -14.27 -11.14 -3.94
N PHE A 167 -14.84 -11.39 -2.77
CA PHE A 167 -14.24 -11.28 -1.44
C PHE A 167 -14.40 -12.63 -0.75
N PRO A 168 -13.57 -12.90 0.29
CA PRO A 168 -13.61 -14.25 0.87
C PRO A 168 -14.95 -14.75 1.35
N TRP A 169 -15.80 -13.86 1.85
CA TRP A 169 -17.13 -14.24 2.35
C TRP A 169 -18.19 -14.38 1.23
N GLU A 170 -17.88 -13.86 0.04
CA GLU A 170 -18.80 -13.91 -1.09
C GLU A 170 -17.97 -13.62 -2.33
N VAL A 171 -17.54 -14.68 -2.99
CA VAL A 171 -16.60 -14.58 -4.09
C VAL A 171 -17.31 -14.15 -5.37
N VAL A 172 -16.97 -12.98 -5.87
CA VAL A 172 -17.54 -12.48 -7.13
C VAL A 172 -16.51 -12.51 -8.25
N THR A 173 -15.24 -12.41 -7.87
CA THR A 173 -14.12 -12.57 -8.79
C THR A 173 -12.88 -12.85 -7.95
N GLU A 174 -11.74 -12.97 -8.61
CA GLU A 174 -10.50 -13.24 -7.90
C GLU A 174 -9.33 -12.77 -8.74
N TYR A 175 -8.20 -12.50 -8.12
CA TYR A 175 -7.06 -12.07 -8.90
C TYR A 175 -6.48 -13.23 -9.70
N PRO A 176 -6.26 -13.01 -10.99
CA PRO A 176 -5.70 -14.09 -11.83
C PRO A 176 -4.19 -14.18 -11.63
N VAL A 177 -3.73 -15.10 -10.79
CA VAL A 177 -2.33 -15.03 -10.34
C VAL A 177 -1.30 -15.32 -11.41
N GLN A 178 -1.61 -16.24 -12.32
CA GLN A 178 -0.65 -16.55 -13.38
C GLN A 178 -0.49 -15.35 -14.33
N PHE A 179 -1.61 -14.75 -14.69
CA PHE A 179 -1.64 -13.51 -15.45
C PHE A 179 -0.77 -12.43 -14.78
N ILE A 180 -1.03 -12.21 -13.49
CA ILE A 180 -0.28 -11.19 -12.76
C ILE A 180 1.20 -11.50 -12.70
N ALA A 181 1.55 -12.75 -12.40
CA ALA A 181 2.96 -13.13 -12.33
C ALA A 181 3.71 -12.93 -13.64
N ALA A 182 2.99 -13.10 -14.75
CA ALA A 182 3.62 -12.93 -16.07
C ALA A 182 3.78 -11.47 -16.44
N GLY A 183 2.79 -10.65 -16.05
CA GLY A 183 2.75 -9.25 -16.49
C GLY A 183 3.43 -8.23 -15.56
N LEU A 184 3.59 -8.59 -14.28
CA LEU A 184 4.02 -7.63 -13.24
C LEU A 184 5.25 -8.10 -12.54
N ASP A 185 5.99 -7.14 -12.02
CA ASP A 185 7.16 -7.47 -11.22
C ASP A 185 6.83 -7.96 -9.83
N TRP A 186 5.80 -7.37 -9.23
CA TRP A 186 5.26 -7.87 -7.97
C TRP A 186 3.94 -7.20 -7.69
N VAL A 187 3.25 -7.67 -6.66
CA VAL A 187 2.06 -7.02 -6.15
C VAL A 187 2.24 -6.66 -4.68
N ASN A 188 1.62 -5.55 -4.31
CA ASN A 188 1.68 -5.00 -2.96
C ASN A 188 0.39 -5.43 -2.27
N VAL A 189 0.55 -6.41 -1.37
CA VAL A 189 -0.58 -7.00 -0.66
C VAL A 189 -0.99 -6.12 0.51
N MET A 190 -2.19 -5.57 0.43
CA MET A 190 -2.67 -4.61 1.45
C MET A 190 -3.20 -5.33 2.69
N ALA A 191 -2.26 -5.85 3.49
CA ALA A 191 -2.59 -6.68 4.64
C ALA A 191 -2.87 -5.81 5.85
N TYR A 192 -3.92 -5.01 5.77
CA TYR A 192 -4.30 -4.10 6.86
C TYR A 192 -5.76 -3.70 6.66
N ASP A 193 -6.27 -2.89 7.59
CA ASP A 193 -7.67 -2.49 7.64
C ASP A 193 -8.60 -3.69 7.77
N PHE A 194 -8.17 -4.67 8.55
CA PHE A 194 -9.02 -5.81 8.86
C PHE A 194 -10.12 -5.49 9.87
N HIS A 195 -9.85 -4.50 10.74
CA HIS A 195 -10.72 -4.10 11.84
C HIS A 195 -10.60 -2.62 12.05
N GLY A 196 -11.64 -2.01 12.56
CA GLY A 196 -11.65 -0.56 12.75
C GLY A 196 -13.00 -0.12 13.22
N SER A 197 -13.21 1.20 13.16
CA SER A 197 -14.36 1.86 13.76
C SER A 197 -15.70 1.51 13.17
N TRP A 198 -15.72 0.80 12.04
CA TRP A 198 -16.97 0.27 11.50
C TRP A 198 -17.53 -0.85 12.37
N GLU A 199 -16.69 -1.35 13.28
CA GLU A 199 -17.05 -2.40 14.23
C GLU A 199 -17.21 -1.88 15.66
N ASN A 200 -18.09 -2.54 16.43
CA ASN A 200 -18.44 -2.21 17.83
C ASN A 200 -17.53 -2.72 18.93
N PHE A 201 -16.39 -3.30 18.55
CA PHE A 201 -15.45 -3.84 19.49
C PHE A 201 -14.09 -3.53 18.95
N THR A 202 -13.14 -3.34 19.85
CA THR A 202 -11.76 -3.14 19.41
C THR A 202 -11.18 -4.44 18.86
N GLY A 203 -10.20 -4.32 17.99
CA GLY A 203 -9.58 -5.47 17.34
C GLY A 203 -8.21 -5.09 16.77
N ALA A 204 -7.48 -6.08 16.28
CA ALA A 204 -6.15 -5.88 15.71
C ALA A 204 -6.30 -5.59 14.21
N PRO A 205 -6.10 -4.32 13.79
CA PRO A 205 -6.45 -3.98 12.40
C PRO A 205 -5.56 -4.62 11.34
N ALA A 206 -4.38 -5.14 11.71
CA ALA A 206 -3.51 -5.78 10.74
C ALA A 206 -2.96 -7.10 11.28
N ALA A 207 -3.79 -7.79 12.08
CA ALA A 207 -3.40 -9.06 12.67
C ALA A 207 -2.66 -9.96 11.70
N LEU A 208 -1.49 -10.44 12.09
CA LEU A 208 -0.80 -11.46 11.30
C LEU A 208 -1.57 -12.77 11.29
N ARG A 209 -2.11 -13.13 12.44
CA ARG A 209 -2.85 -14.40 12.55
C ARG A 209 -3.85 -14.21 13.68
N ASP A 210 -4.76 -15.18 13.79
CA ASP A 210 -5.80 -15.16 14.79
C ASP A 210 -6.52 -16.50 14.73
N PHE A 215 -9.71 -12.86 8.72
CA PHE A 215 -9.14 -11.57 8.32
C PHE A 215 -7.77 -11.36 8.94
N THR A 216 -6.78 -12.03 8.39
CA THR A 216 -5.44 -11.92 8.89
C THR A 216 -4.49 -11.89 7.72
N ALA A 217 -3.31 -11.34 7.96
CA ALA A 217 -2.33 -11.23 6.90
C ALA A 217 -1.91 -12.60 6.37
N SER A 218 -1.71 -13.57 7.27
CA SER A 218 -1.23 -14.90 6.87
C SER A 218 -2.28 -15.64 6.05
N VAL A 219 -3.54 -15.52 6.42
CA VAL A 219 -4.58 -16.18 5.63
C VAL A 219 -4.65 -15.59 4.23
N GLY A 220 -4.52 -14.27 4.12
CA GLY A 220 -4.52 -13.63 2.82
C GLY A 220 -3.32 -14.05 2.00
N ILE A 221 -2.14 -14.03 2.60
CA ILE A 221 -0.93 -14.49 1.90
C ILE A 221 -1.08 -15.96 1.44
N GLU A 222 -1.51 -16.81 2.35
CA GLU A 222 -1.78 -18.23 2.05
C GLU A 222 -2.68 -18.34 0.80
N SER A 223 -3.69 -17.48 0.68
CA SER A 223 -4.62 -17.60 -0.43
C SER A 223 -3.96 -17.30 -1.77
N PHE A 224 -3.06 -16.32 -1.80
CA PHE A 224 -2.38 -16.06 -3.05
C PHE A 224 -1.43 -17.22 -3.40
N LEU A 225 -0.73 -17.74 -2.41
CA LEU A 225 0.21 -18.85 -2.65
C LEU A 225 -0.52 -20.11 -3.12
N ALA A 226 -1.67 -20.38 -2.53
CA ALA A 226 -2.48 -21.58 -2.85
C ALA A 226 -3.02 -21.47 -4.27
N ALA A 227 -3.29 -20.25 -4.72
CA ALA A 227 -3.77 -20.03 -6.08
C ALA A 227 -2.65 -20.23 -7.09
N GLY A 228 -1.40 -20.21 -6.63
CA GLY A 228 -0.26 -20.42 -7.51
C GLY A 228 0.63 -19.22 -7.72
N MET A 229 0.47 -18.15 -6.93
CA MET A 229 1.37 -17.00 -7.10
C MET A 229 2.79 -17.40 -6.68
N PRO A 230 3.80 -17.14 -7.53
CA PRO A 230 5.17 -17.36 -7.09
C PRO A 230 5.43 -16.47 -5.87
N PRO A 231 5.99 -17.04 -4.79
CA PRO A 231 6.07 -16.29 -3.53
C PRO A 231 6.86 -14.99 -3.67
N GLU A 232 7.87 -14.98 -4.53
CA GLU A 232 8.69 -13.80 -4.71
C GLU A 232 7.91 -12.61 -5.34
N LYS A 233 6.72 -12.87 -5.89
CA LYS A 233 5.86 -11.83 -6.48
C LYS A 233 4.98 -11.14 -5.43
N LEU A 234 4.99 -11.62 -4.19
CA LEU A 234 4.18 -11.01 -3.14
C LEU A 234 5.04 -10.14 -2.25
N VAL A 235 4.57 -8.90 -2.02
CA VAL A 235 5.21 -7.97 -1.10
C VAL A 235 4.19 -7.64 -0.01
N LEU A 236 4.53 -8.00 1.22
CA LEU A 236 3.61 -7.89 2.36
C LEU A 236 3.49 -6.46 2.87
N GLY A 237 2.27 -5.91 2.84
CA GLY A 237 2.07 -4.58 3.36
C GLY A 237 2.00 -4.56 4.87
N ILE A 238 2.54 -3.50 5.45
CA ILE A 238 2.54 -3.27 6.88
C ILE A 238 2.15 -1.81 7.06
N PRO A 239 1.14 -1.53 7.88
CA PRO A 239 0.70 -0.14 8.05
C PRO A 239 1.59 0.64 9.01
N LEU A 240 1.80 1.92 8.70
CA LEU A 240 2.47 2.86 9.60
C LEU A 240 1.45 3.77 10.28
N PHE A 241 0.20 3.30 10.34
CA PHE A 241 -0.89 3.93 11.05
C PHE A 241 -1.65 2.85 11.81
N GLY A 242 -2.44 3.29 12.78
CA GLY A 242 -3.32 2.43 13.55
C GLY A 242 -4.76 2.81 13.33
N ARG A 243 -5.67 1.91 13.65
CA ARG A 243 -7.09 2.19 13.68
C ARG A 243 -7.54 2.43 15.12
N SER A 244 -8.34 3.46 15.33
CA SER A 244 -8.71 3.89 16.68
C SER A 244 -10.20 3.84 16.89
N TRP A 245 -10.58 3.69 18.15
CA TRP A 245 -11.94 3.64 18.61
C TRP A 245 -12.06 4.50 19.86
N LEU A 246 -13.29 4.92 20.14
CA LEU A 246 -13.66 5.41 21.46
C LEU A 246 -14.27 4.27 22.25
N LEU A 247 -13.78 4.04 23.46
CA LEU A 247 -14.25 2.96 24.31
C LEU A 247 -15.60 3.28 24.92
N LYS A 248 -16.45 2.27 24.99
CA LYS A 248 -17.69 2.39 25.74
C LYS A 248 -17.45 2.62 27.23
N ASN A 249 -16.50 1.86 27.79
CA ASN A 249 -16.15 1.95 29.21
C ASN A 249 -14.65 1.96 29.37
N ASN A 250 -14.17 2.93 30.15
CA ASN A 250 -12.72 3.11 30.31
C ASN A 250 -12.02 2.01 31.08
N ASN A 251 -12.79 1.14 31.72
CA ASN A 251 -12.18 0.00 32.41
C ASN A 251 -12.19 -1.29 31.60
N GLU A 252 -12.67 -1.22 30.36
CA GLU A 252 -12.57 -2.36 29.45
C GLU A 252 -11.68 -1.91 28.32
N VAL A 253 -10.45 -2.39 28.32
CA VAL A 253 -9.37 -1.77 27.53
C VAL A 253 -8.60 -2.73 26.67
N GLY A 254 -8.99 -4.01 26.66
CA GLY A 254 -8.28 -5.02 25.89
C GLY A 254 -8.85 -5.17 24.51
N ILE A 255 -8.39 -6.20 23.79
CA ILE A 255 -8.95 -6.56 22.49
C ILE A 255 -10.34 -7.15 22.71
N GLY A 256 -11.29 -6.72 21.88
CA GLY A 256 -12.69 -7.14 22.02
C GLY A 256 -13.50 -6.28 23.01
N ALA A 257 -12.93 -5.17 23.46
CA ALA A 257 -13.67 -4.27 24.35
C ALA A 257 -14.73 -3.52 23.54
N PRO A 258 -15.90 -3.25 24.15
N PRO A 258 -15.92 -3.28 24.13
CA PRO A 258 -16.96 -2.52 23.44
CA PRO A 258 -16.96 -2.53 23.42
C PRO A 258 -16.54 -1.08 23.10
C PRO A 258 -16.55 -1.09 23.09
N ALA A 259 -16.96 -0.61 21.92
CA ALA A 259 -16.61 0.72 21.44
C ALA A 259 -17.84 1.46 20.92
N VAL A 260 -17.74 2.78 20.86
CA VAL A 260 -18.86 3.63 20.46
C VAL A 260 -18.64 4.53 19.23
N GLY A 261 -17.55 4.31 18.52
CA GLY A 261 -17.27 5.10 17.32
C GLY A 261 -15.79 5.25 17.06
N ALA A 262 -15.48 6.02 16.05
CA ALA A 262 -14.10 6.26 15.65
C ALA A 262 -13.37 7.12 16.67
N GLY A 263 -12.14 6.73 16.98
CA GLY A 263 -11.26 7.58 17.75
C GLY A 263 -10.58 8.61 16.87
N PRO A 264 -9.62 9.35 17.42
CA PRO A 264 -8.88 10.33 16.61
C PRO A 264 -7.96 9.58 15.62
N VAL A 265 -7.69 10.11 14.44
CA VAL A 265 -8.35 11.24 13.81
C VAL A 265 -9.25 10.62 12.75
N ASP A 266 -10.56 10.73 12.93
CA ASP A 266 -11.52 10.01 12.10
C ASP A 266 -11.14 8.53 11.94
N GLY A 267 -10.71 7.92 13.04
CA GLY A 267 -10.48 6.48 13.06
C GLY A 267 -9.09 5.99 12.71
N ALA A 268 -8.16 6.89 12.42
CA ALA A 268 -6.78 6.50 12.10
C ALA A 268 -5.78 7.44 12.71
N LEU A 269 -4.67 6.88 13.19
CA LEU A 269 -3.61 7.67 13.80
C LEU A 269 -2.29 7.21 13.23
N SER A 270 -1.41 8.13 12.87
CA SER A 270 -0.09 7.75 12.39
C SER A 270 0.72 7.09 13.50
N PHE A 271 1.69 6.26 13.15
CA PHE A 271 2.59 5.70 14.14
C PHE A 271 3.22 6.79 14.99
N SER A 272 3.65 7.88 14.36
CA SER A 272 4.29 8.95 15.12
C SER A 272 3.31 9.57 16.14
N GLU A 273 2.05 9.73 15.75
CA GLU A 273 1.03 10.22 16.68
C GLU A 273 0.80 9.19 17.80
N ILE A 274 0.89 7.90 17.50
CA ILE A 274 0.75 6.87 18.52
C ILE A 274 1.91 6.91 19.51
N GLN A 275 3.11 7.18 19.03
CA GLN A 275 4.24 7.39 19.93
C GLN A 275 3.99 8.57 20.86
N ASN A 276 3.42 9.65 20.32
CA ASN A 276 3.06 10.79 21.15
C ASN A 276 1.99 10.39 22.17
N PHE A 277 1.01 9.58 21.74
CA PHE A 277 -0.03 9.09 22.63
C PHE A 277 0.55 8.32 23.80
N ILE A 278 1.51 7.44 23.55
CA ILE A 278 2.17 6.68 24.58
C ILE A 278 2.99 7.58 25.52
N ARG A 279 3.78 8.50 24.93
CA ARG A 279 4.56 9.42 25.74
C ARG A 279 3.69 10.31 26.62
N GLY A 280 2.47 10.57 26.19
CA GLY A 280 1.51 11.35 26.95
C GLY A 280 0.68 10.55 27.92
N GLY A 281 1.02 9.28 28.14
CA GLY A 281 0.39 8.50 29.19
C GLY A 281 -0.39 7.27 28.74
N ALA A 282 -0.56 7.04 27.43
CA ALA A 282 -1.24 5.82 27.01
C ALA A 282 -0.38 4.59 27.34
N ARG A 283 -1.03 3.47 27.63
CA ARG A 283 -0.32 2.21 27.90
C ARG A 283 -0.27 1.37 26.65
N GLU A 284 0.94 0.94 26.27
CA GLU A 284 1.13 0.04 25.14
C GLU A 284 1.07 -1.40 25.60
N VAL A 285 0.37 -2.22 24.83
CA VAL A 285 0.28 -3.66 25.06
C VAL A 285 0.66 -4.39 23.78
N PHE A 286 1.51 -5.40 23.87
CA PHE A 286 1.75 -6.29 22.74
C PHE A 286 0.79 -7.46 22.84
N ASP A 287 0.10 -7.78 21.74
CA ASP A 287 -0.81 -8.90 21.71
C ASP A 287 -0.21 -10.05 20.93
N THR A 288 0.28 -11.07 21.64
CA THR A 288 0.93 -12.16 20.98
C THR A 288 0.00 -13.00 20.11
N THR A 289 -1.27 -13.05 20.51
CA THR A 289 -2.28 -13.86 19.82
C THR A 289 -2.43 -13.43 18.36
N THR A 290 -2.44 -12.11 18.14
CA THR A 290 -2.63 -11.55 16.78
C THR A 290 -1.34 -11.07 16.14
N VAL A 291 -0.27 -10.96 16.92
CA VAL A 291 1.01 -10.31 16.51
C VAL A 291 0.72 -8.87 16.15
N SER A 292 0.48 -8.07 17.18
CA SER A 292 0.06 -6.68 16.98
C SER A 292 0.22 -5.96 18.30
N ALA A 293 0.02 -4.65 18.26
CA ALA A 293 0.04 -3.83 19.47
C ALA A 293 -1.23 -3.02 19.59
N TYR A 294 -1.50 -2.58 20.81
CA TYR A 294 -2.51 -1.57 21.01
C TYR A 294 -2.13 -0.67 22.16
N ALA A 295 -2.75 0.49 22.22
CA ALA A 295 -2.46 1.44 23.27
C ALA A 295 -3.76 2.13 23.63
N TYR A 296 -3.89 2.49 24.91
CA TYR A 296 -5.11 3.13 25.38
C TYR A 296 -4.84 4.14 26.47
N LYS A 297 -5.72 5.13 26.54
CA LYS A 297 -5.70 6.13 27.59
C LYS A 297 -7.13 6.64 27.67
N ASP A 298 -7.67 6.70 28.88
CA ASP A 298 -9.05 7.16 29.05
C ASP A 298 -9.98 6.43 28.10
N ASN A 299 -10.74 7.13 27.26
CA ASN A 299 -11.64 6.44 26.34
C ASN A 299 -11.09 6.23 24.92
N VAL A 300 -9.78 6.39 24.71
CA VAL A 300 -9.20 6.23 23.37
C VAL A 300 -8.37 4.95 23.30
N TRP A 301 -8.59 4.16 22.25
CA TRP A 301 -7.91 2.89 22.06
C TRP A 301 -7.45 2.82 20.61
N VAL A 302 -6.22 2.42 20.38
CA VAL A 302 -5.70 2.32 19.01
C VAL A 302 -4.95 1.01 18.82
N GLY A 303 -5.19 0.32 17.71
CA GLY A 303 -4.46 -0.89 17.36
C GLY A 303 -3.53 -0.61 16.20
N TYR A 304 -2.31 -1.14 16.25
CA TYR A 304 -1.26 -0.73 15.30
C TYR A 304 -0.16 -1.77 15.32
N ASP A 305 0.87 -1.53 14.52
CA ASP A 305 2.08 -2.32 14.54
C ASP A 305 3.20 -1.59 15.24
N ASN A 306 3.94 -2.30 16.09
CA ASN A 306 5.05 -1.72 16.81
C ASN A 306 6.37 -2.40 16.46
N GLN A 307 7.42 -2.06 17.17
CA GLN A 307 8.72 -2.60 16.82
C GLN A 307 8.73 -4.13 16.85
N GLN A 308 8.09 -4.71 17.87
CA GLN A 308 8.03 -6.15 17.97
C GLN A 308 7.19 -6.79 16.85
N SER A 309 5.99 -6.28 16.63
CA SER A 309 5.12 -6.91 15.63
C SER A 309 5.68 -6.72 14.23
N VAL A 310 6.34 -5.60 13.95
CA VAL A 310 6.95 -5.42 12.63
C VAL A 310 8.07 -6.43 12.43
N ALA A 311 8.93 -6.62 13.45
CA ALA A 311 10.00 -7.62 13.29
C ALA A 311 9.41 -9.01 13.03
N LEU A 312 8.32 -9.32 13.75
CA LEU A 312 7.68 -10.64 13.57
C LEU A 312 7.07 -10.78 12.17
N LYS A 313 6.45 -9.72 11.68
CA LYS A 313 5.84 -9.75 10.33
C LYS A 313 6.89 -9.87 9.25
N VAL A 314 8.02 -9.19 9.42
CA VAL A 314 9.07 -9.24 8.43
C VAL A 314 9.74 -10.60 8.40
N GLN A 315 9.97 -11.18 9.58
CA GLN A 315 10.48 -12.54 9.63
C GLN A 315 9.49 -13.54 9.02
N TYR A 316 8.21 -13.34 9.30
CA TYR A 316 7.14 -14.11 8.66
C TYR A 316 7.28 -14.06 7.14
N ALA A 317 7.41 -12.86 6.59
CA ALA A 317 7.55 -12.70 5.13
C ALA A 317 8.76 -13.44 4.62
N LYS A 318 9.85 -13.37 5.37
CA LYS A 318 11.05 -14.11 4.96
C LYS A 318 10.81 -15.62 4.99
N GLU A 319 10.18 -16.14 6.03
CA GLU A 319 9.90 -17.56 6.14
C GLU A 319 8.93 -18.06 5.08
N LYS A 320 8.02 -17.19 4.69
CA LYS A 320 7.09 -17.53 3.61
C LYS A 320 7.69 -17.32 2.22
N ARG A 321 8.96 -16.90 2.15
CA ARG A 321 9.69 -16.73 0.87
C ARG A 321 9.13 -15.61 -0.01
N LEU A 322 8.55 -14.61 0.65
CA LEU A 322 7.95 -13.47 -0.08
C LEU A 322 9.03 -12.59 -0.68
N GLY A 323 8.64 -11.78 -1.65
CA GLY A 323 9.58 -10.87 -2.27
C GLY A 323 10.08 -9.78 -1.33
N GLY A 324 9.28 -9.45 -0.33
CA GLY A 324 9.65 -8.41 0.64
C GLY A 324 8.44 -7.87 1.33
N TYR A 325 8.55 -6.60 1.76
CA TYR A 325 7.48 -5.93 2.48
C TYR A 325 7.35 -4.49 1.98
N PHE A 326 6.20 -3.88 2.25
CA PHE A 326 6.02 -2.45 1.98
C PHE A 326 5.37 -1.76 3.15
N PHE A 327 5.60 -0.44 3.29
CA PHE A 327 4.94 0.39 4.30
C PHE A 327 3.97 1.31 3.57
N TRP A 328 2.73 1.39 4.04
CA TRP A 328 1.89 2.58 3.91
C TRP A 328 1.71 3.31 5.20
N SER A 329 2.14 4.57 5.33
CA SER A 329 2.89 5.37 4.35
C SER A 329 4.00 6.05 5.11
N VAL A 330 5.11 6.38 4.44
CA VAL A 330 6.34 6.68 5.15
C VAL A 330 6.32 7.98 5.94
N ASN A 331 5.43 8.90 5.57
CA ASN A 331 5.29 10.14 6.31
C ASN A 331 4.71 9.91 7.71
N GLN A 332 4.16 8.73 7.96
CA GLN A 332 3.47 8.48 9.25
C GLN A 332 4.37 7.83 10.29
N ASP A 333 5.63 7.54 9.98
CA ASP A 333 6.70 7.34 10.96
C ASP A 333 7.88 8.23 10.72
N ILE A 334 7.77 9.42 11.29
CA ILE A 334 8.70 10.48 10.96
C ILE A 334 10.13 10.14 11.31
N ASP A 335 10.33 9.34 12.36
CA ASP A 335 11.67 8.94 12.78
C ASP A 335 12.15 7.63 12.15
N ALA A 336 11.31 7.08 11.26
CA ALA A 336 11.59 5.81 10.59
C ALA A 336 11.96 4.67 11.54
N ILE A 337 11.21 4.58 12.65
CA ILE A 337 11.45 3.52 13.63
C ILE A 337 11.12 2.16 13.05
N LEU A 338 9.95 2.05 12.43
CA LEU A 338 9.53 0.75 11.93
C LEU A 338 10.25 0.32 10.65
N PRO A 339 10.48 1.27 9.70
CA PRO A 339 11.36 0.89 8.59
C PRO A 339 12.76 0.42 9.00
N LYS A 340 13.32 0.98 10.07
CA LYS A 340 14.62 0.51 10.54
C LYS A 340 14.58 -0.91 11.07
N ILE A 341 13.62 -1.20 11.95
CA ILE A 341 13.58 -2.57 12.44
C ILE A 341 13.26 -3.56 11.30
N ALA A 342 12.41 -3.19 10.34
CA ALA A 342 12.14 -4.08 9.20
C ALA A 342 13.39 -4.38 8.41
N SER A 343 14.15 -3.33 8.11
CA SER A 343 15.36 -3.52 7.31
C SER A 343 16.37 -4.38 8.06
N ASP A 344 16.55 -4.12 9.36
CA ASP A 344 17.49 -4.90 10.17
C ASP A 344 17.03 -6.36 10.28
N THR A 345 15.73 -6.57 10.38
CA THR A 345 15.20 -7.93 10.50
C THR A 345 15.48 -8.72 9.24
N TRP A 346 15.24 -8.15 8.07
CA TRP A 346 15.46 -8.94 6.88
C TRP A 346 16.94 -9.19 6.68
N GLY A 347 17.74 -8.15 6.91
CA GLY A 347 19.15 -8.16 6.56
C GLY A 347 19.38 -7.65 5.14
#